data_5GZ6
#
_entry.id   5GZ6
#
_cell.length_a   54.838
_cell.length_b   94.773
_cell.length_c   138.791
_cell.angle_alpha   90.000
_cell.angle_beta   90.000
_cell.angle_gamma   90.000
#
_symmetry.space_group_name_H-M   'P 21 21 21'
#
loop_
_entity.id
_entity.type
_entity.pdbx_description
1 polymer 'Meso-diaminopimelate D-dehydrogenase'
2 non-polymer 'NADPH DIHYDRO-NICOTINAMIDE-ADENINE-DINUCLEOTIDE PHOSPHATE'
3 non-polymer '6-azanyl-2-oxidanylidene-hexanoic acid'
4 non-polymer 'SULFATE ION'
5 non-polymer 'ACETATE ION'
6 water water
#
_entity_poly.entity_id   1
_entity_poly.type   'polypeptide(L)'
_entity_poly.pdbx_seq_one_letter_code
;MSKIRIGIVGYGNLGRGVEAAIQQNPDMELVAVFTRRDPKTVAVKSNVKVLHVDDAQSYKDEIDVMILCGGSATDLPEQG
PYFAQYFNTIDSFATHARIPDYFDAVNAAAEQSGKVAIISVGWDPGLFSLNRLLGEVVLPVGNTYTFWGKGVSLGHSGAI
RRIQGVKNAVQYIIPIDEAVNRVRSGENPELSTREKHAMECFVVLEEGADPAKVEHEIKTMPNFFDEYDTTVHFISEEEL
KQNHSGMPNGGFVIRSGKSDEGHKQIIEFSLNLESNPMFTSSALVAYARAAYRLSQNGDKGAKTVFDIPFGLLSPKSPED
LRKELL
;
_entity_poly.pdbx_strand_id   A,B
#
# COMPACT_ATOMS: atom_id res chain seq x y z
N SER A 2 -31.07 -1.15 1.41
CA SER A 2 -31.30 0.04 0.57
C SER A 2 -29.95 0.39 -0.10
N LYS A 3 -29.96 1.06 -1.24
CA LYS A 3 -28.73 1.46 -1.91
C LYS A 3 -28.17 2.66 -1.16
N ILE A 4 -26.88 2.84 -1.23
CA ILE A 4 -26.24 4.05 -0.67
C ILE A 4 -26.42 5.17 -1.62
N ARG A 5 -27.10 6.25 -1.16
CA ARG A 5 -27.43 7.36 -2.03
C ARG A 5 -26.29 8.38 -2.04
N ILE A 6 -25.80 8.65 -3.25
CA ILE A 6 -24.61 9.48 -3.48
C ILE A 6 -25.00 10.74 -4.14
N GLY A 7 -24.41 11.83 -3.69
CA GLY A 7 -24.47 13.05 -4.43
C GLY A 7 -23.08 13.50 -4.86
N ILE A 8 -22.95 14.12 -6.02
CA ILE A 8 -21.66 14.65 -6.50
C ILE A 8 -21.73 16.17 -6.40
N VAL A 9 -20.70 16.80 -5.85
CA VAL A 9 -20.63 18.25 -5.83
C VAL A 9 -19.44 18.61 -6.72
N GLY A 10 -19.72 19.33 -7.80
CA GLY A 10 -18.71 19.75 -8.76
C GLY A 10 -18.66 18.76 -9.90
N TYR A 11 -18.55 19.25 -11.13
CA TYR A 11 -18.51 18.34 -12.25
C TYR A 11 -17.36 18.64 -13.19
N GLY A 12 -16.16 18.54 -12.65
CA GLY A 12 -14.93 18.72 -13.37
C GLY A 12 -14.53 17.32 -13.77
N ASN A 13 -13.31 17.13 -14.25
CA ASN A 13 -12.91 15.78 -14.66
C ASN A 13 -13.05 14.80 -13.50
N LEU A 14 -12.73 15.24 -12.29
CA LEU A 14 -12.89 14.37 -11.13
C LEU A 14 -14.35 13.99 -10.91
N GLY A 15 -15.25 14.96 -11.05
CA GLY A 15 -16.68 14.72 -10.86
C GLY A 15 -17.17 13.72 -11.89
N ARG A 16 -16.72 13.92 -13.11
CA ARG A 16 -17.02 13.03 -14.19
C ARG A 16 -16.54 11.59 -14.00
N GLY A 17 -15.34 11.48 -13.48
CA GLY A 17 -14.74 10.20 -13.02
C GLY A 17 -15.54 9.50 -11.93
N VAL A 18 -16.05 10.28 -10.96
CA VAL A 18 -16.85 9.68 -9.90
C VAL A 18 -18.19 9.19 -10.46
N GLU A 19 -18.86 9.94 -11.37
CA GLU A 19 -20.06 9.53 -12.00
C GLU A 19 -19.80 8.09 -12.63
N ALA A 20 -18.72 8.01 -13.37
CA ALA A 20 -18.37 6.77 -14.08
C ALA A 20 -18.14 5.60 -13.08
N ALA A 21 -17.43 5.91 -12.02
CA ALA A 21 -17.15 4.87 -11.05
C ALA A 21 -18.30 4.35 -10.36
N ILE A 22 -19.27 5.24 -10.08
CA ILE A 22 -20.44 4.83 -9.42
C ILE A 22 -21.15 3.73 -10.22
N GLN A 23 -21.05 3.82 -11.55
CA GLN A 23 -21.71 2.84 -12.41
C GLN A 23 -21.19 1.38 -12.20
N GLN A 24 -20.00 1.22 -11.57
CA GLN A 24 -19.43 -0.04 -11.25
C GLN A 24 -19.69 -0.50 -9.83
N ASN A 25 -20.56 0.20 -9.08
CA ASN A 25 -20.83 -0.06 -7.72
C ASN A 25 -22.38 -0.19 -7.52
N PRO A 26 -22.88 -1.36 -7.77
CA PRO A 26 -24.40 -1.55 -7.76
C PRO A 26 -25.07 -1.37 -6.41
N ASP A 27 -24.28 -1.27 -5.30
CA ASP A 27 -24.81 -0.94 -4.01
C ASP A 27 -25.04 0.54 -3.78
N MET A 28 -24.66 1.38 -4.79
CA MET A 28 -24.82 2.80 -4.76
C MET A 28 -25.79 3.29 -5.86
N GLU A 29 -26.39 4.43 -5.55
CA GLU A 29 -27.25 5.09 -6.53
C GLU A 29 -26.82 6.54 -6.57
N LEU A 30 -26.55 7.09 -7.76
CA LEU A 30 -26.23 8.50 -7.91
C LEU A 30 -27.55 9.31 -7.98
N VAL A 31 -27.74 10.15 -6.99
CA VAL A 31 -28.94 10.96 -6.85
C VAL A 31 -28.96 12.21 -7.66
N ALA A 32 -27.87 12.97 -7.60
CA ALA A 32 -27.79 14.22 -8.32
C ALA A 32 -26.38 14.76 -8.41
N VAL A 33 -26.18 15.69 -9.34
CA VAL A 33 -24.90 16.36 -9.51
C VAL A 33 -25.17 17.83 -9.22
N PHE A 34 -24.37 18.42 -8.35
CA PHE A 34 -24.53 19.83 -7.97
C PHE A 34 -23.42 20.63 -8.61
N THR A 35 -23.78 21.74 -9.25
CA THR A 35 -22.78 22.52 -9.94
C THR A 35 -22.99 24.00 -9.76
N ARG A 36 -21.90 24.74 -9.86
CA ARG A 36 -21.95 26.21 -9.82
C ARG A 36 -22.33 26.75 -11.17
N ARG A 37 -22.16 25.96 -12.22
CA ARG A 37 -22.50 26.39 -13.57
C ARG A 37 -24.00 26.24 -13.83
N ASP A 38 -24.47 26.91 -14.86
CA ASP A 38 -25.88 26.81 -15.25
C ASP A 38 -26.17 25.32 -15.54
N PRO A 39 -27.09 24.69 -14.82
CA PRO A 39 -27.32 23.25 -14.99
C PRO A 39 -27.66 22.76 -16.40
N LYS A 40 -28.42 23.51 -17.17
CA LYS A 40 -28.76 23.07 -18.53
C LYS A 40 -27.54 22.91 -19.45
N THR A 41 -26.48 23.65 -19.17
CA THR A 41 -25.25 23.59 -19.97
C THR A 41 -24.24 22.51 -19.56
N VAL A 42 -24.55 21.74 -18.52
CA VAL A 42 -23.63 20.72 -18.00
C VAL A 42 -24.02 19.39 -18.57
N ALA A 43 -23.15 18.84 -19.37
CA ALA A 43 -23.38 17.64 -20.18
C ALA A 43 -23.05 16.44 -19.30
N VAL A 44 -23.92 16.09 -18.42
CA VAL A 44 -23.68 14.82 -17.63
C VAL A 44 -24.03 13.54 -18.43
N LYS A 45 -23.12 12.53 -18.40
CA LYS A 45 -23.23 11.28 -19.14
C LYS A 45 -24.44 10.44 -18.82
N SER A 46 -24.71 10.29 -17.54
CA SER A 46 -25.85 9.44 -17.10
C SER A 46 -27.16 10.25 -17.11
N ASN A 47 -28.30 9.67 -16.74
CA ASN A 47 -29.55 10.51 -16.76
C ASN A 47 -29.79 11.24 -15.42
N VAL A 48 -28.72 11.42 -14.65
CA VAL A 48 -28.82 12.05 -13.35
C VAL A 48 -29.24 13.52 -13.40
N LYS A 49 -30.01 13.93 -12.41
CA LYS A 49 -30.46 15.30 -12.31
C LYS A 49 -29.28 16.22 -12.06
N VAL A 50 -29.25 17.37 -12.71
CA VAL A 50 -28.17 18.34 -12.50
C VAL A 50 -28.82 19.49 -11.75
N LEU A 51 -28.24 19.87 -10.63
CA LEU A 51 -28.79 20.89 -9.80
C LEU A 51 -27.80 21.99 -9.43
N HIS A 52 -28.31 23.17 -9.08
CA HIS A 52 -27.49 24.21 -8.52
C HIS A 52 -26.95 23.81 -7.17
N VAL A 53 -25.69 24.14 -6.94
CA VAL A 53 -25.05 23.80 -5.70
C VAL A 53 -25.71 24.48 -4.54
N ASP A 54 -26.25 25.66 -4.82
CA ASP A 54 -26.92 26.48 -3.82
C ASP A 54 -28.08 25.74 -3.17
N ASP A 55 -28.73 24.87 -3.93
CA ASP A 55 -29.83 24.10 -3.42
C ASP A 55 -29.48 22.73 -2.78
N ALA A 56 -28.19 22.41 -2.67
CA ALA A 56 -27.87 21.06 -2.11
C ALA A 56 -28.40 20.79 -0.67
N GLN A 57 -28.32 21.76 0.19
CA GLN A 57 -28.90 21.63 1.54
C GLN A 57 -30.33 21.05 1.57
N SER A 58 -31.16 21.37 0.60
CA SER A 58 -32.52 20.88 0.64
C SER A 58 -32.63 19.39 0.28
N TYR A 59 -31.52 18.76 -0.15
CA TYR A 59 -31.47 17.30 -0.40
C TYR A 59 -30.91 16.48 0.74
N LYS A 60 -30.79 17.09 1.92
CA LYS A 60 -30.28 16.50 3.11
C LYS A 60 -30.80 15.11 3.41
N ASP A 61 -32.11 14.90 3.19
CA ASP A 61 -32.71 13.65 3.54
C ASP A 61 -32.69 12.64 2.38
N GLU A 62 -32.25 13.05 1.20
CA GLU A 62 -32.29 12.24 0.00
C GLU A 62 -30.83 11.75 -0.31
N ILE A 63 -29.86 12.12 0.48
CA ILE A 63 -28.44 11.72 0.12
C ILE A 63 -27.75 11.20 1.34
N ASP A 64 -27.10 10.05 1.18
CA ASP A 64 -26.31 9.50 2.28
C ASP A 64 -24.89 10.08 2.36
N VAL A 65 -24.23 10.14 1.22
CA VAL A 65 -22.87 10.62 1.16
C VAL A 65 -22.68 11.54 -0.01
N MET A 66 -22.08 12.69 0.26
CA MET A 66 -21.78 13.65 -0.78
C MET A 66 -20.30 13.58 -1.07
N ILE A 67 -19.99 13.40 -2.36
CA ILE A 67 -18.57 13.28 -2.77
C ILE A 67 -18.23 14.64 -3.42
N LEU A 68 -17.29 15.33 -2.78
CA LEU A 68 -16.88 16.66 -3.20
C LEU A 68 -15.70 16.53 -4.14
N CYS A 69 -15.95 16.90 -5.40
CA CYS A 69 -14.96 16.81 -6.45
C CYS A 69 -14.31 18.15 -6.83
N GLY A 70 -14.51 19.15 -5.98
CA GLY A 70 -13.96 20.47 -6.21
C GLY A 70 -12.45 20.56 -6.00
N GLY A 71 -11.86 21.63 -6.51
CA GLY A 71 -10.44 21.87 -6.39
C GLY A 71 -10.03 22.23 -4.97
N SER A 72 -8.84 21.77 -4.59
CA SER A 72 -8.30 22.03 -3.26
C SER A 72 -8.01 23.49 -2.93
N ALA A 73 -7.49 24.23 -3.90
CA ALA A 73 -7.13 25.62 -3.67
C ALA A 73 -8.29 26.58 -3.33
N THR A 74 -9.39 26.50 -4.06
CA THR A 74 -10.50 27.42 -3.77
C THR A 74 -11.89 26.81 -3.49
N ASP A 75 -12.17 25.65 -4.06
CA ASP A 75 -13.50 25.02 -3.85
C ASP A 75 -13.58 24.40 -2.46
N LEU A 76 -12.70 23.46 -2.15
CA LEU A 76 -12.86 22.68 -0.94
C LEU A 76 -12.73 23.41 0.31
N PRO A 77 -11.78 24.35 0.43
CA PRO A 77 -11.70 25.06 1.69
C PRO A 77 -13.03 25.61 2.22
N GLU A 78 -13.88 26.14 1.35
CA GLU A 78 -15.29 26.50 1.76
C GLU A 78 -16.27 25.32 1.70
N GLN A 79 -16.18 24.45 0.67
CA GLN A 79 -17.17 23.47 0.45
C GLN A 79 -17.10 22.36 1.52
N GLY A 80 -15.92 21.94 1.91
CA GLY A 80 -15.80 20.86 2.87
C GLY A 80 -16.51 21.17 4.20
N PRO A 81 -16.11 22.26 4.86
CA PRO A 81 -16.77 22.51 6.07
C PRO A 81 -18.26 22.88 5.86
N TYR A 82 -18.64 23.46 4.74
CA TYR A 82 -20.05 23.75 4.49
C TYR A 82 -20.89 22.45 4.39
N PHE A 83 -20.46 21.56 3.55
CA PHE A 83 -21.23 20.34 3.33
C PHE A 83 -21.27 19.35 4.47
N ALA A 84 -20.25 19.31 5.31
CA ALA A 84 -20.18 18.43 6.46
C ALA A 84 -21.18 18.89 7.58
N GLN A 85 -21.77 20.07 7.44
CA GLN A 85 -22.95 20.44 8.28
C GLN A 85 -24.20 19.64 7.98
N TYR A 86 -24.31 19.11 6.75
CA TYR A 86 -25.52 18.51 6.32
C TYR A 86 -25.38 17.07 5.87
N PHE A 87 -24.18 16.65 5.48
CA PHE A 87 -24.00 15.40 4.81
C PHE A 87 -22.74 14.70 5.34
N ASN A 88 -22.69 13.35 5.24
CA ASN A 88 -21.43 12.63 5.30
C ASN A 88 -20.73 13.04 3.99
N THR A 89 -19.41 13.23 4.01
CA THR A 89 -18.72 13.77 2.89
C THR A 89 -17.43 13.08 2.60
N ILE A 90 -17.01 13.09 1.34
CA ILE A 90 -15.73 12.54 0.91
C ILE A 90 -15.04 13.57 0.02
N ASP A 91 -13.73 13.74 0.17
CA ASP A 91 -12.99 14.70 -0.64
C ASP A 91 -11.53 14.28 -0.84
N SER A 92 -10.87 14.91 -1.81
CA SER A 92 -9.48 14.61 -2.15
C SER A 92 -8.57 15.82 -1.87
N PHE A 93 -8.88 16.59 -0.82
CA PHE A 93 -8.11 17.84 -0.55
C PHE A 93 -6.60 17.55 -0.52
N ALA A 94 -5.84 18.25 -1.35
CA ALA A 94 -4.50 17.81 -1.60
C ALA A 94 -3.42 18.80 -1.20
N THR A 95 -3.78 19.85 -0.50
CA THR A 95 -2.85 20.96 -0.09
C THR A 95 -2.24 20.60 1.21
N HIS A 96 -1.13 19.82 1.14
CA HIS A 96 -0.59 19.14 2.30
C HIS A 96 -0.30 20.08 3.50
N ALA A 97 0.20 21.23 3.15
CA ALA A 97 0.51 22.25 4.18
C ALA A 97 -0.75 22.81 4.91
N ARG A 98 -1.90 22.79 4.22
CA ARG A 98 -3.16 23.23 4.83
C ARG A 98 -4.01 22.13 5.41
N ILE A 99 -3.53 20.87 5.34
CA ILE A 99 -4.35 19.80 5.89
C ILE A 99 -4.75 19.92 7.37
N PRO A 100 -3.84 20.34 8.29
CA PRO A 100 -4.33 20.36 9.64
C PRO A 100 -5.44 21.35 9.79
N ASP A 101 -5.32 22.54 9.18
CA ASP A 101 -6.39 23.58 9.27
C ASP A 101 -7.70 23.14 8.59
N TYR A 102 -7.58 22.43 7.49
CA TYR A 102 -8.77 21.89 6.81
C TYR A 102 -9.39 20.87 7.68
N PHE A 103 -8.61 19.91 8.14
CA PHE A 103 -9.09 18.82 9.01
C PHE A 103 -9.89 19.40 10.17
N ASP A 104 -9.30 20.39 10.86
CA ASP A 104 -10.01 21.05 12.01
C ASP A 104 -11.36 21.69 11.70
N ALA A 105 -11.43 22.44 10.62
CA ALA A 105 -12.68 23.03 10.16
C ALA A 105 -13.75 22.00 9.73
N VAL A 106 -13.33 20.97 8.93
CA VAL A 106 -14.25 19.95 8.59
C VAL A 106 -14.67 19.24 9.86
N ASN A 107 -13.73 18.93 10.74
CA ASN A 107 -14.02 18.21 11.91
C ASN A 107 -15.06 18.93 12.82
N ALA A 108 -14.78 20.20 13.01
CA ALA A 108 -15.74 21.02 13.84
C ALA A 108 -17.16 20.91 13.26
N ALA A 109 -17.33 21.05 11.97
CA ALA A 109 -18.63 21.00 11.33
C ALA A 109 -19.21 19.59 11.48
N ALA A 110 -18.38 18.58 11.17
CA ALA A 110 -18.87 17.21 11.21
C ALA A 110 -19.33 16.73 12.64
N GLU A 111 -18.53 17.10 13.63
CA GLU A 111 -18.88 16.78 15.04
C GLU A 111 -20.18 17.40 15.43
N GLN A 112 -20.37 18.65 15.06
CA GLN A 112 -21.62 19.32 15.40
C GLN A 112 -22.86 18.75 14.69
N SER A 113 -22.66 18.27 13.43
CA SER A 113 -23.83 17.74 12.67
C SER A 113 -24.03 16.22 13.01
N GLY A 114 -22.97 15.59 13.53
CA GLY A 114 -22.89 14.16 13.67
C GLY A 114 -22.71 13.38 12.41
N LYS A 115 -22.16 14.02 11.41
CA LYS A 115 -21.75 13.35 10.16
C LYS A 115 -20.30 12.91 10.17
N VAL A 116 -19.98 12.00 9.27
CA VAL A 116 -18.59 11.51 9.02
C VAL A 116 -18.04 12.17 7.79
N ALA A 117 -16.86 12.78 7.89
CA ALA A 117 -16.25 13.41 6.74
C ALA A 117 -14.89 12.79 6.55
N ILE A 118 -14.64 12.23 5.38
CA ILE A 118 -13.35 11.64 5.12
C ILE A 118 -12.68 12.59 4.15
N ILE A 119 -11.50 13.05 4.52
CA ILE A 119 -10.78 14.01 3.71
C ILE A 119 -9.47 13.49 3.18
N SER A 120 -9.02 14.10 2.09
CA SER A 120 -7.77 13.85 1.55
C SER A 120 -7.59 12.37 1.05
N VAL A 121 -8.60 11.87 0.35
CA VAL A 121 -8.60 10.54 -0.22
C VAL A 121 -8.06 10.64 -1.65
N GLY A 122 -7.28 9.64 -2.06
CA GLY A 122 -6.72 9.63 -3.39
C GLY A 122 -5.35 9.00 -3.44
N TRP A 123 -4.66 9.16 -4.56
CA TRP A 123 -3.33 8.61 -4.72
C TRP A 123 -2.30 9.29 -3.77
N ASP A 124 -2.30 10.62 -3.76
CA ASP A 124 -1.43 11.37 -2.86
C ASP A 124 -1.96 12.79 -2.69
N PRO A 125 -2.51 13.15 -1.55
CA PRO A 125 -2.70 12.33 -0.39
C PRO A 125 -3.56 11.10 -0.63
N GLY A 126 -3.43 10.17 0.25
CA GLY A 126 -4.24 8.96 0.29
C GLY A 126 -3.31 7.75 0.31
N LEU A 127 -3.22 7.02 -0.85
CA LEU A 127 -2.37 5.84 -0.83
C LEU A 127 -0.90 6.08 -0.45
N PHE A 128 -0.30 7.10 -1.05
CA PHE A 128 1.08 7.45 -0.75
C PHE A 128 1.26 7.83 0.71
N SER A 129 0.26 8.48 1.28
CA SER A 129 0.33 8.87 2.68
C SER A 129 0.44 7.59 3.49
N LEU A 130 -0.32 6.57 3.10
CA LEU A 130 -0.29 5.28 3.78
C LEU A 130 1.11 4.67 3.64
N ASN A 131 1.69 4.81 2.45
CA ASN A 131 3.03 4.28 2.20
C ASN A 131 4.08 4.95 3.09
N ARG A 132 3.98 6.27 3.27
CA ARG A 132 4.92 7.01 4.10
C ARG A 132 4.83 6.52 5.54
N LEU A 133 3.61 6.34 6.03
CA LEU A 133 3.38 5.79 7.37
C LEU A 133 3.98 4.44 7.51
N LEU A 134 3.66 3.56 6.56
CA LEU A 134 4.14 2.20 6.65
C LEU A 134 5.68 2.19 6.64
N GLY A 135 6.29 3.03 5.82
CA GLY A 135 7.73 3.07 5.78
C GLY A 135 8.30 3.47 7.14
N GLU A 136 7.68 4.45 7.79
CA GLU A 136 8.14 4.91 9.09
C GLU A 136 8.06 3.87 10.20
N VAL A 137 6.95 3.15 10.28
CA VAL A 137 6.79 2.13 11.30
C VAL A 137 7.76 0.97 11.11
N VAL A 138 7.94 0.59 9.85
CA VAL A 138 8.86 -0.48 9.46
C VAL A 138 10.37 -0.19 9.65
N LEU A 139 10.78 1.05 9.39
CA LEU A 139 12.13 1.45 9.47
C LEU A 139 12.08 2.78 10.21
N PRO A 140 12.02 2.73 11.56
CA PRO A 140 11.73 3.99 12.37
C PRO A 140 12.77 5.03 12.30
N VAL A 141 14.01 4.62 12.01
CA VAL A 141 15.15 5.48 11.89
C VAL A 141 15.53 5.54 10.45
N GLY A 142 15.10 6.63 9.81
CA GLY A 142 15.46 6.88 8.40
C GLY A 142 14.77 8.07 7.79
N ASN A 143 14.83 8.14 6.43
CA ASN A 143 14.30 9.25 5.66
C ASN A 143 13.30 8.68 4.63
N THR A 144 12.34 9.50 4.35
CA THR A 144 11.27 9.16 3.32
C THR A 144 11.41 10.10 2.19
N TYR A 145 11.16 9.60 1.01
CA TYR A 145 11.22 10.37 -0.19
C TYR A 145 10.01 9.97 -1.09
N THR A 146 9.24 10.94 -1.62
CA THR A 146 8.09 10.66 -2.47
C THR A 146 8.34 11.22 -3.83
N PHE A 147 8.14 10.37 -4.85
CA PHE A 147 8.31 10.75 -6.24
C PHE A 147 7.06 10.41 -7.05
N TRP A 148 6.67 11.30 -7.95
CA TRP A 148 5.52 11.07 -8.81
C TRP A 148 5.84 11.43 -10.24
N GLY A 149 5.20 10.72 -11.16
CA GLY A 149 5.35 11.01 -12.57
C GLY A 149 3.93 11.09 -13.10
N LYS A 150 3.52 12.24 -13.63
CA LYS A 150 2.19 12.32 -14.16
C LYS A 150 2.06 13.51 -15.13
N GLY A 151 1.04 13.48 -15.99
CA GLY A 151 0.76 14.58 -16.89
C GLY A 151 0.17 15.71 -16.07
N VAL A 152 -0.18 16.83 -16.70
CA VAL A 152 -0.73 17.95 -15.96
C VAL A 152 -2.05 18.51 -16.49
N SER A 153 -2.80 19.16 -15.61
CA SER A 153 -4.07 19.78 -15.95
C SER A 153 -3.83 21.01 -16.81
N LEU A 154 -2.57 21.45 -16.82
CA LEU A 154 -2.11 22.61 -17.59
C LEU A 154 -2.82 23.93 -17.28
N GLY A 155 -3.11 24.16 -16.01
CA GLY A 155 -3.78 25.37 -15.58
C GLY A 155 -2.98 26.62 -15.91
N GLY A 158 -2.24 25.74 -21.69
CA GLY A 158 -2.99 26.68 -20.85
C GLY A 158 -2.57 28.09 -21.16
N ALA A 159 -1.87 28.76 -20.22
CA ALA A 159 -1.12 29.98 -20.58
C ALA A 159 0.07 29.62 -21.55
N ILE A 160 0.62 28.39 -21.44
CA ILE A 160 1.62 27.91 -22.41
C ILE A 160 1.06 27.92 -23.83
N ARG A 161 -0.17 27.43 -24.04
CA ARG A 161 -0.75 27.38 -25.37
C ARG A 161 -0.93 28.75 -26.04
N ARG A 162 -0.99 29.80 -25.23
CA ARG A 162 -1.19 31.18 -25.72
C ARG A 162 0.14 31.92 -25.99
N ILE A 163 1.28 31.24 -25.79
CA ILE A 163 2.56 31.81 -26.10
C ILE A 163 2.71 31.79 -27.64
N GLN A 164 3.12 32.95 -28.16
CA GLN A 164 3.24 33.15 -29.59
C GLN A 164 4.38 32.21 -30.02
N GLY A 165 4.09 31.40 -31.03
CA GLY A 165 5.01 30.42 -31.58
C GLY A 165 4.81 29.00 -31.08
N VAL A 166 3.90 28.81 -30.13
CA VAL A 166 3.66 27.46 -29.61
C VAL A 166 2.42 26.85 -30.26
N LYS A 167 2.66 25.94 -31.20
CA LYS A 167 1.56 25.25 -31.89
C LYS A 167 0.79 24.24 -31.03
N ASN A 168 1.54 23.48 -30.23
CA ASN A 168 0.97 22.41 -29.38
C ASN A 168 1.94 22.16 -28.26
N ALA A 169 1.46 21.64 -27.12
CA ALA A 169 2.44 21.34 -26.07
C ALA A 169 1.85 20.26 -25.22
N VAL A 170 2.67 19.58 -24.43
CA VAL A 170 2.18 18.68 -23.38
C VAL A 170 3.19 18.77 -22.29
N GLN A 171 2.74 18.72 -21.04
CA GLN A 171 3.65 18.85 -19.91
C GLN A 171 3.50 17.70 -18.93
N TYR A 172 4.62 17.30 -18.35
CA TYR A 172 4.63 16.22 -17.38
C TYR A 172 5.50 16.56 -16.18
N ILE A 173 5.18 15.97 -15.05
CA ILE A 173 5.98 16.12 -13.85
C ILE A 173 6.71 14.79 -13.84
N ILE A 174 8.02 14.85 -13.77
CA ILE A 174 8.88 13.68 -13.80
C ILE A 174 9.83 13.74 -12.57
N PRO A 175 10.17 12.59 -11.96
CA PRO A 175 11.25 12.53 -11.02
C PRO A 175 12.56 12.92 -11.67
N ILE A 176 13.41 13.55 -10.91
CA ILE A 176 14.81 13.85 -11.42
C ILE A 176 15.68 12.65 -11.16
N ASP A 177 16.07 11.90 -12.21
CA ASP A 177 16.67 10.63 -12.03
C ASP A 177 17.81 10.60 -11.04
N GLU A 178 18.61 11.66 -11.08
CA GLU A 178 19.78 11.71 -10.33
C GLU A 178 19.47 11.79 -8.88
N ALA A 179 18.44 12.54 -8.53
CA ALA A 179 17.93 12.55 -7.15
C ALA A 179 17.43 11.19 -6.74
N VAL A 180 16.64 10.54 -7.56
CA VAL A 180 16.20 9.19 -7.27
C VAL A 180 17.42 8.27 -7.07
N ASN A 181 18.40 8.36 -7.95
CA ASN A 181 19.64 7.52 -7.80
C ASN A 181 20.37 7.73 -6.51
N ARG A 182 20.47 8.95 -6.04
CA ARG A 182 21.07 9.22 -4.75
C ARG A 182 20.27 8.55 -3.63
N VAL A 183 18.95 8.69 -3.66
CA VAL A 183 18.10 8.00 -2.66
C VAL A 183 18.31 6.46 -2.67
N ARG A 184 18.29 5.89 -3.84
CA ARG A 184 18.31 4.42 -4.05
C ARG A 184 19.71 3.82 -3.67
N SER A 185 20.71 4.69 -3.73
CA SER A 185 22.12 4.33 -3.37
C SER A 185 22.31 4.28 -1.84
N GLY A 186 21.34 4.81 -1.05
CA GLY A 186 21.48 4.88 0.39
C GLY A 186 22.26 6.08 0.90
N GLU A 187 22.51 7.07 0.04
CA GLU A 187 23.14 8.33 0.46
C GLU A 187 22.36 9.09 1.51
N ASN A 188 21.02 8.85 1.61
CA ASN A 188 20.16 9.69 2.35
C ASN A 188 20.38 11.21 2.06
N PRO A 189 20.28 11.61 0.81
CA PRO A 189 20.53 13.00 0.44
C PRO A 189 19.49 13.96 1.00
N GLU A 190 19.92 15.19 1.27
CA GLU A 190 19.00 16.20 1.75
C GLU A 190 18.52 16.79 0.46
N LEU A 191 17.26 16.54 0.13
CA LEU A 191 16.71 17.03 -1.12
C LEU A 191 15.54 17.97 -0.98
N SER A 192 15.65 19.10 -1.65
CA SER A 192 14.58 20.05 -1.68
C SER A 192 13.48 19.62 -2.71
N THR A 193 12.31 20.22 -2.60
CA THR A 193 11.24 20.07 -3.58
C THR A 193 11.74 20.26 -4.96
N ARG A 194 12.58 21.29 -5.14
CA ARG A 194 13.05 21.60 -6.51
C ARG A 194 14.06 20.57 -7.00
N GLU A 195 14.71 19.90 -6.09
CA GLU A 195 15.63 18.86 -6.45
C GLU A 195 15.03 17.54 -6.85
N LYS A 196 13.82 17.28 -6.44
CA LYS A 196 13.18 15.96 -6.66
C LYS A 196 12.39 15.75 -7.98
N HIS A 197 11.77 16.81 -8.46
CA HIS A 197 10.97 16.78 -9.68
C HIS A 197 11.27 17.95 -10.62
N ALA A 198 11.09 17.71 -11.92
CA ALA A 198 11.14 18.76 -12.99
C ALA A 198 9.87 18.70 -13.75
N MET A 199 9.43 19.85 -14.21
CA MET A 199 8.39 19.92 -15.17
C MET A 199 9.01 19.76 -16.56
N GLU A 200 8.54 18.82 -17.36
CA GLU A 200 9.09 18.62 -18.69
C GLU A 200 7.98 19.06 -19.67
N CYS A 201 8.30 20.07 -20.46
CA CYS A 201 7.34 20.68 -21.36
C CYS A 201 7.84 20.40 -22.82
N PHE A 202 7.03 19.64 -23.55
CA PHE A 202 7.27 19.22 -24.94
C PHE A 202 6.42 20.10 -25.83
N VAL A 203 7.08 20.77 -26.76
CA VAL A 203 6.48 21.82 -27.51
C VAL A 203 6.70 21.59 -29.02
N VAL A 204 5.62 21.79 -29.75
CA VAL A 204 5.65 21.88 -31.25
C VAL A 204 5.61 23.35 -31.59
N LEU A 205 6.58 23.77 -32.39
CA LEU A 205 6.76 25.16 -32.77
C LEU A 205 5.94 25.54 -34.00
N GLU A 206 5.32 26.73 -33.92
CA GLU A 206 4.52 27.34 -35.05
C GLU A 206 5.57 27.77 -36.04
N GLU A 207 5.16 27.86 -37.31
CA GLU A 207 6.05 28.42 -38.39
C GLU A 207 6.52 29.73 -37.95
N GLY A 208 7.79 29.95 -38.19
CA GLY A 208 8.40 31.21 -37.89
C GLY A 208 8.53 31.62 -36.47
N ALA A 209 8.48 30.64 -35.59
CA ALA A 209 8.63 30.90 -34.21
C ALA A 209 10.09 31.15 -33.86
N ASP A 210 10.30 31.85 -32.76
CA ASP A 210 11.57 32.14 -32.19
C ASP A 210 11.63 31.21 -30.97
N PRO A 211 12.32 30.09 -31.07
CA PRO A 211 12.34 29.16 -29.94
C PRO A 211 12.94 29.70 -28.68
N ALA A 212 13.93 30.57 -28.80
CA ALA A 212 14.55 31.04 -27.57
C ALA A 212 13.59 31.91 -26.83
N LYS A 213 12.74 32.70 -27.52
CA LYS A 213 11.69 33.47 -26.86
C LYS A 213 10.63 32.60 -26.28
N VAL A 214 10.22 31.59 -27.06
CA VAL A 214 9.17 30.64 -26.55
C VAL A 214 9.64 29.94 -25.25
N GLU A 215 10.86 29.49 -25.24
CA GLU A 215 11.44 28.78 -24.08
C GLU A 215 11.56 29.67 -22.87
N HIS A 216 12.16 30.83 -23.08
CA HIS A 216 12.30 31.82 -22.00
C HIS A 216 11.02 32.13 -21.34
N GLU A 217 10.02 32.33 -22.12
CA GLU A 217 8.72 32.66 -21.65
C GLU A 217 7.97 31.50 -20.92
N ILE A 218 8.06 30.27 -21.44
CA ILE A 218 7.60 29.09 -20.68
C ILE A 218 8.42 29.08 -19.38
N LYS A 219 9.74 29.23 -19.38
CA LYS A 219 10.50 29.07 -18.13
C LYS A 219 10.16 30.13 -17.08
N THR A 220 9.86 31.35 -17.51
CA THR A 220 9.56 32.45 -16.60
C THR A 220 8.08 32.78 -16.44
N MET A 221 7.23 32.06 -17.15
CA MET A 221 5.80 32.31 -17.08
C MET A 221 5.32 32.03 -15.66
N PRO A 222 4.42 32.95 -15.13
CA PRO A 222 3.97 32.61 -13.77
C PRO A 222 3.18 31.32 -13.88
N ASN A 223 3.47 30.33 -13.05
CA ASN A 223 2.77 29.05 -13.14
C ASN A 223 2.45 28.38 -11.81
N PHE A 224 1.51 27.43 -11.86
CA PHE A 224 1.08 26.70 -10.67
C PHE A 224 2.25 25.95 -10.07
N PHE A 225 3.07 25.37 -10.95
CA PHE A 225 4.24 24.61 -10.52
C PHE A 225 5.54 25.41 -10.47
N ASP A 226 5.51 26.56 -9.80
CA ASP A 226 6.67 27.42 -9.65
C ASP A 226 7.77 26.72 -8.85
N GLU A 227 7.35 25.85 -7.94
CA GLU A 227 8.24 25.11 -7.06
C GLU A 227 9.30 24.29 -7.82
N TYR A 228 8.99 23.91 -9.04
CA TYR A 228 9.91 23.12 -9.85
C TYR A 228 10.42 23.87 -11.07
N ASP A 229 11.65 23.57 -11.45
CA ASP A 229 12.24 24.17 -12.64
C ASP A 229 11.59 23.49 -13.83
N THR A 230 11.49 24.19 -14.95
CA THR A 230 10.86 23.63 -16.13
C THR A 230 11.86 23.43 -17.25
N THR A 231 11.88 22.24 -17.84
CA THR A 231 12.79 22.02 -18.97
C THR A 231 11.97 22.02 -20.24
N VAL A 232 12.34 22.74 -21.31
CA VAL A 232 11.57 22.74 -22.57
C VAL A 232 12.27 21.90 -23.61
N HIS A 233 11.52 21.07 -24.32
CA HIS A 233 12.01 20.20 -25.37
C HIS A 233 11.21 20.47 -26.63
N PHE A 234 11.84 21.00 -27.65
CA PHE A 234 11.18 21.16 -28.91
C PHE A 234 11.28 19.87 -29.70
N ILE A 235 10.12 19.42 -30.22
CA ILE A 235 9.94 18.20 -30.95
C ILE A 235 8.90 18.42 -32.04
N SER A 236 8.75 17.43 -32.90
CA SER A 236 7.72 17.44 -33.96
C SER A 236 6.31 16.98 -33.46
N GLU A 237 5.26 17.35 -34.18
CA GLU A 237 3.89 16.87 -33.88
C GLU A 237 3.79 15.36 -34.03
N GLU A 238 4.48 14.80 -35.02
CA GLU A 238 4.60 13.36 -35.16
C GLU A 238 5.15 12.78 -33.84
N GLU A 239 6.19 13.37 -33.28
CA GLU A 239 6.82 12.80 -32.10
C GLU A 239 6.05 13.06 -30.81
N LEU A 240 5.35 14.17 -30.71
CA LEU A 240 4.48 14.42 -29.55
C LEU A 240 3.50 13.21 -29.36
N LYS A 241 2.71 12.96 -30.41
CA LYS A 241 1.83 11.79 -30.52
C LYS A 241 2.51 10.41 -30.26
N GLN A 242 3.58 10.02 -30.98
CA GLN A 242 4.18 8.65 -30.77
C GLN A 242 4.79 8.42 -29.38
N ASN A 243 5.66 9.33 -28.94
CA ASN A 243 6.43 9.18 -27.71
C ASN A 243 5.83 9.87 -26.49
N HIS A 244 5.03 10.93 -26.69
CA HIS A 244 4.71 11.85 -25.54
C HIS A 244 3.24 12.06 -25.30
N SER A 245 2.50 10.95 -25.38
CA SER A 245 1.07 10.98 -25.07
C SER A 245 0.60 9.68 -24.42
N GLY A 246 -0.49 9.85 -23.65
CA GLY A 246 -1.00 8.83 -22.72
C GLY A 246 0.09 8.11 -21.93
N MET A 247 1.02 8.87 -21.34
CA MET A 247 2.05 8.29 -20.47
C MET A 247 1.36 7.67 -19.23
N PRO A 248 2.02 6.65 -18.57
CA PRO A 248 1.51 6.20 -17.24
C PRO A 248 1.75 7.24 -16.13
N ASN A 249 0.72 7.47 -15.32
CA ASN A 249 0.86 8.15 -14.12
C ASN A 249 1.34 7.08 -13.10
N GLY A 250 2.05 7.53 -12.12
CA GLY A 250 2.52 6.62 -11.11
C GLY A 250 3.59 7.30 -10.27
N GLY A 251 4.08 6.55 -9.34
CA GLY A 251 5.20 7.08 -8.52
C GLY A 251 5.59 6.03 -7.51
N PHE A 252 6.36 6.47 -6.54
CA PHE A 252 6.92 5.56 -5.57
C PHE A 252 7.35 6.30 -4.35
N VAL A 253 7.20 5.64 -3.21
CA VAL A 253 7.57 6.16 -1.96
C VAL A 253 8.73 5.24 -1.48
N ILE A 254 9.84 5.88 -1.13
CA ILE A 254 11.09 5.19 -0.71
C ILE A 254 11.35 5.56 0.77
N ARG A 255 11.59 4.54 1.59
CA ARG A 255 11.99 4.75 2.96
C ARG A 255 13.44 4.24 2.96
N SER A 256 14.39 5.11 3.33
CA SER A 256 15.78 4.73 3.40
C SER A 256 16.25 4.79 4.85
N GLY A 257 16.66 3.68 5.46
CA GLY A 257 16.99 3.60 6.92
C GLY A 257 18.32 2.88 7.02
N LYS A 258 18.67 2.22 8.16
CA LYS A 258 20.02 1.53 8.28
C LYS A 258 20.17 0.22 9.12
N LYS A 264 22.48 -0.40 5.74
CA LYS A 264 21.76 0.33 4.67
C LYS A 264 20.56 -0.45 4.05
N GLN A 265 19.36 0.04 4.30
CA GLN A 265 18.15 -0.64 3.87
C GLN A 265 17.17 0.29 3.20
N ILE A 266 16.56 -0.21 2.14
CA ILE A 266 15.59 0.56 1.40
C ILE A 266 14.32 -0.23 1.18
N ILE A 267 13.19 0.41 1.42
CA ILE A 267 11.90 -0.20 1.18
C ILE A 267 11.24 0.73 0.17
N GLU A 268 10.79 0.18 -0.95
CA GLU A 268 10.16 1.02 -1.96
C GLU A 268 8.75 0.55 -2.26
N PHE A 269 7.81 1.49 -2.18
CA PHE A 269 6.36 1.17 -2.46
C PHE A 269 5.94 1.95 -3.72
N SER A 270 5.48 1.26 -4.72
CA SER A 270 5.17 1.87 -6.02
C SER A 270 3.70 1.68 -6.43
N LEU A 271 3.26 2.61 -7.26
CA LEU A 271 1.95 2.62 -7.86
C LEU A 271 2.09 2.95 -9.34
N ASN A 272 1.44 2.18 -10.20
CA ASN A 272 1.48 2.45 -11.61
C ASN A 272 0.05 2.52 -12.11
N LEU A 273 -0.31 3.59 -12.79
CA LEU A 273 -1.65 3.76 -13.33
C LEU A 273 -1.50 3.73 -14.84
N GLU A 274 -2.24 2.86 -15.51
CA GLU A 274 -2.08 2.73 -16.99
C GLU A 274 -3.48 2.74 -17.66
N SER A 275 -3.57 3.45 -18.78
CA SER A 275 -4.83 3.57 -19.52
C SER A 275 -5.95 4.30 -18.78
N ASN A 276 -5.61 5.37 -18.07
CA ASN A 276 -6.61 6.18 -17.36
C ASN A 276 -7.58 5.48 -16.39
N PRO A 277 -7.05 4.79 -15.39
CA PRO A 277 -7.94 4.11 -14.43
C PRO A 277 -8.78 5.08 -13.59
N MET A 278 -8.41 6.36 -13.54
CA MET A 278 -9.17 7.31 -12.72
C MET A 278 -9.17 6.87 -11.26
N PHE A 279 -7.98 6.56 -10.77
CA PHE A 279 -7.75 6.08 -9.37
C PHE A 279 -8.46 6.88 -8.31
N THR A 280 -8.22 8.19 -8.31
CA THR A 280 -8.81 9.04 -7.29
C THR A 280 -10.34 9.04 -7.32
N SER A 281 -10.93 9.07 -8.51
CA SER A 281 -12.38 9.06 -8.59
C SER A 281 -12.93 7.76 -8.01
N SER A 282 -12.31 6.64 -8.35
CA SER A 282 -12.73 5.34 -7.85
C SER A 282 -12.54 5.22 -6.33
N ALA A 283 -11.41 5.74 -5.86
CA ALA A 283 -11.09 5.70 -4.44
C ALA A 283 -12.14 6.49 -3.65
N LEU A 284 -12.56 7.62 -4.22
CA LEU A 284 -13.56 8.43 -3.55
C LEU A 284 -14.83 7.62 -3.37
N VAL A 285 -15.21 6.86 -4.40
CA VAL A 285 -16.42 6.03 -4.32
C VAL A 285 -16.27 4.97 -3.23
N ALA A 286 -15.13 4.30 -3.17
CA ALA A 286 -14.95 3.31 -2.10
C ALA A 286 -14.97 3.90 -0.72
N TYR A 287 -14.31 5.04 -0.50
CA TYR A 287 -14.31 5.66 0.75
C TYR A 287 -15.71 6.20 1.10
N ALA A 288 -16.54 6.49 0.11
CA ALA A 288 -17.94 6.85 0.38
C ALA A 288 -18.65 5.71 1.07
N ARG A 289 -18.36 4.48 0.62
CA ARG A 289 -18.96 3.31 1.22
C ARG A 289 -18.52 3.21 2.69
N ALA A 290 -17.23 3.43 2.96
CA ALA A 290 -16.80 3.39 4.37
C ALA A 290 -17.38 4.47 5.22
N ALA A 291 -17.48 5.69 4.66
CA ALA A 291 -18.11 6.78 5.43
C ALA A 291 -19.55 6.46 5.83
N TYR A 292 -20.29 5.88 4.91
CA TYR A 292 -21.69 5.51 5.17
C TYR A 292 -21.76 4.47 6.28
N ARG A 293 -20.87 3.48 6.24
CA ARG A 293 -20.85 2.45 7.27
C ARG A 293 -20.51 3.00 8.64
N LEU A 294 -19.53 3.90 8.70
CA LEU A 294 -19.13 4.51 9.97
C LEU A 294 -20.30 5.32 10.51
N SER A 295 -20.97 6.04 9.62
CA SER A 295 -22.13 6.82 9.92
C SER A 295 -23.25 5.94 10.51
N GLN A 296 -23.66 4.87 9.79
CA GLN A 296 -24.62 3.85 10.20
C GLN A 296 -24.30 3.27 11.55
N ASN A 297 -23.03 3.17 11.88
CA ASN A 297 -22.55 2.76 13.20
C ASN A 297 -22.45 3.81 14.28
N GLY A 298 -22.90 5.04 14.01
CA GLY A 298 -22.93 6.09 15.01
C GLY A 298 -21.69 6.93 15.16
N ASP A 299 -20.77 6.74 14.23
CA ASP A 299 -19.58 7.50 14.23
C ASP A 299 -19.82 8.90 13.67
N LYS A 300 -18.87 9.79 13.87
CA LYS A 300 -18.99 11.14 13.40
C LYS A 300 -17.67 11.77 13.40
N GLY A 301 -17.52 12.94 12.75
CA GLY A 301 -16.31 13.71 12.87
C GLY A 301 -15.49 13.55 11.59
N ALA A 302 -14.41 14.28 11.43
CA ALA A 302 -13.53 14.11 10.24
C ALA A 302 -12.60 12.91 10.45
N LYS A 303 -12.27 12.21 9.32
CA LYS A 303 -11.37 11.11 9.31
C LYS A 303 -10.39 11.29 8.17
N THR A 304 -9.24 10.61 8.23
CA THR A 304 -8.32 10.55 7.11
C THR A 304 -8.16 9.05 6.79
N VAL A 305 -7.41 8.78 5.74
CA VAL A 305 -7.10 7.42 5.40
C VAL A 305 -6.34 6.69 6.58
N PHE A 306 -5.66 7.41 7.45
CA PHE A 306 -5.11 6.78 8.66
C PHE A 306 -6.10 6.21 9.62
N ASP A 307 -7.40 6.62 9.56
CA ASP A 307 -8.44 6.22 10.42
C ASP A 307 -9.32 5.13 9.98
N ILE A 308 -9.24 4.73 8.69
CA ILE A 308 -10.22 3.84 8.06
C ILE A 308 -9.65 2.44 7.78
N PRO A 309 -10.19 1.39 8.44
CA PRO A 309 -9.75 0.07 8.11
C PRO A 309 -10.20 -0.35 6.71
N PHE A 310 -9.38 -1.11 5.99
CA PHE A 310 -9.63 -1.49 4.59
C PHE A 310 -10.90 -2.27 4.28
N GLY A 311 -11.32 -3.11 5.21
CA GLY A 311 -12.50 -3.93 4.99
C GLY A 311 -13.73 -3.09 4.69
N LEU A 312 -13.81 -1.91 5.31
CA LEU A 312 -14.95 -1.03 5.10
C LEU A 312 -15.10 -0.55 3.65
N LEU A 313 -14.01 -0.54 2.90
CA LEU A 313 -14.03 -0.04 1.52
C LEU A 313 -14.79 -0.97 0.57
N SER A 314 -14.94 -2.24 0.94
CA SER A 314 -15.49 -3.29 0.13
C SER A 314 -16.91 -3.66 0.53
N PRO A 315 -17.76 -3.92 -0.48
CA PRO A 315 -19.12 -4.36 -0.17
C PRO A 315 -19.18 -5.83 0.21
N LYS A 316 -18.06 -6.59 0.09
CA LYS A 316 -17.99 -7.98 0.53
C LYS A 316 -17.98 -8.09 2.08
N SER A 317 -18.43 -9.22 2.56
CA SER A 317 -18.42 -9.46 3.98
C SER A 317 -16.96 -9.69 4.51
N PRO A 318 -16.69 -9.40 5.78
CA PRO A 318 -15.34 -9.61 6.31
C PRO A 318 -14.88 -11.03 6.10
N GLU A 319 -15.77 -12.02 6.26
CA GLU A 319 -15.38 -13.37 6.09
C GLU A 319 -15.08 -13.68 4.65
N ASP A 320 -15.85 -13.13 3.69
CA ASP A 320 -15.45 -13.27 2.31
C ASP A 320 -14.11 -12.59 1.95
N LEU A 321 -13.79 -11.44 2.51
CA LEU A 321 -12.54 -10.82 2.19
C LEU A 321 -11.41 -11.68 2.74
N ARG A 322 -11.53 -12.21 3.96
CA ARG A 322 -10.51 -13.18 4.45
C ARG A 322 -10.32 -14.38 3.62
N LYS A 323 -11.42 -14.97 3.16
CA LYS A 323 -11.33 -16.10 2.30
C LYS A 323 -10.69 -15.87 0.89
N GLU A 324 -11.06 -14.75 0.25
CA GLU A 324 -10.76 -14.52 -1.10
C GLU A 324 -9.42 -13.77 -1.30
N LEU A 325 -9.12 -12.86 -0.38
CA LEU A 325 -8.01 -11.89 -0.56
C LEU A 325 -6.86 -11.96 0.40
N LEU A 326 -7.06 -12.52 1.56
CA LEU A 326 -5.99 -12.32 2.62
C LEU A 326 -4.84 -13.19 2.29
N SER B 2 5.61 4.75 30.18
CA SER B 2 5.51 3.31 30.39
C SER B 2 5.72 2.55 29.08
N LYS B 3 6.81 1.81 29.00
CA LYS B 3 7.15 1.02 27.81
C LYS B 3 6.12 -0.08 27.55
N ILE B 4 5.84 -0.36 26.27
CA ILE B 4 4.92 -1.44 25.93
C ILE B 4 5.74 -2.68 26.23
N ARG B 5 5.11 -3.77 26.65
CA ARG B 5 5.86 -4.97 27.00
C ARG B 5 5.66 -6.05 25.96
N ILE B 6 6.77 -6.51 25.39
CA ILE B 6 6.73 -7.51 24.34
C ILE B 6 7.34 -8.85 24.72
N GLY B 7 6.61 -9.90 24.37
CA GLY B 7 7.04 -11.26 24.62
C GLY B 7 7.20 -11.91 23.26
N ILE B 8 8.31 -12.60 23.03
CA ILE B 8 8.52 -13.22 21.75
C ILE B 8 8.53 -14.74 21.79
N VAL B 9 7.69 -15.36 20.95
CA VAL B 9 7.70 -16.84 20.81
C VAL B 9 8.42 -17.35 19.57
N GLY B 10 9.59 -18.02 19.80
CA GLY B 10 10.31 -18.65 18.76
C GLY B 10 11.54 -17.80 18.40
N TYR B 11 12.70 -18.46 18.21
CA TYR B 11 13.93 -17.75 18.11
C TYR B 11 14.68 -18.27 16.92
N GLY B 12 13.91 -18.46 15.84
CA GLY B 12 14.38 -18.64 14.49
C GLY B 12 14.71 -17.23 13.84
N ASN B 13 14.89 -17.19 12.54
CA ASN B 13 15.30 -15.99 11.75
C ASN B 13 14.29 -14.89 12.03
N LEU B 14 13.01 -15.30 12.02
CA LEU B 14 11.92 -14.28 12.25
C LEU B 14 11.95 -13.70 13.67
N GLY B 15 12.11 -14.60 14.63
CA GLY B 15 12.17 -14.18 16.03
C GLY B 15 13.36 -13.27 16.24
N ARG B 16 14.48 -13.61 15.63
CA ARG B 16 15.67 -12.79 15.76
C ARG B 16 15.42 -11.42 15.15
N GLY B 17 14.71 -11.39 14.02
CA GLY B 17 14.37 -10.14 13.35
C GLY B 17 13.50 -9.26 14.23
N VAL B 18 12.52 -9.88 14.88
CA VAL B 18 11.64 -9.20 15.77
C VAL B 18 12.44 -8.59 16.94
N GLU B 19 13.34 -9.41 17.50
CA GLU B 19 14.24 -8.88 18.56
C GLU B 19 15.02 -7.65 18.13
N ALA B 20 15.62 -7.76 16.96
CA ALA B 20 16.29 -6.58 16.30
C ALA B 20 15.41 -5.40 16.11
N ALA B 21 14.23 -5.63 15.61
CA ALA B 21 13.29 -4.51 15.37
C ALA B 21 12.85 -3.80 16.60
N ILE B 22 12.67 -4.52 17.71
CA ILE B 22 12.30 -3.87 19.00
C ILE B 22 13.29 -2.75 19.41
N GLN B 23 14.57 -2.90 19.02
CA GLN B 23 15.68 -1.94 19.33
C GLN B 23 15.45 -0.59 18.68
N GLN B 24 14.68 -0.55 17.59
CA GLN B 24 14.30 0.68 16.93
C GLN B 24 12.93 1.17 17.35
N ASN B 25 12.33 0.53 18.33
CA ASN B 25 11.10 1.01 18.87
C ASN B 25 11.23 1.42 20.36
N PRO B 26 11.71 2.62 20.64
CA PRO B 26 12.01 3.06 22.02
C PRO B 26 10.84 2.96 22.95
N ASP B 27 9.64 2.95 22.40
CA ASP B 27 8.42 2.87 23.18
C ASP B 27 8.12 1.46 23.65
N MET B 28 8.90 0.47 23.26
CA MET B 28 8.67 -0.87 23.71
C MET B 28 9.90 -1.45 24.48
N GLU B 29 9.65 -2.49 25.26
CA GLU B 29 10.70 -3.29 25.95
C GLU B 29 10.44 -4.76 25.76
N LEU B 30 11.41 -5.48 25.23
CA LEU B 30 11.31 -6.92 25.13
C LEU B 30 11.56 -7.41 26.53
N VAL B 31 10.66 -8.27 27.00
CA VAL B 31 10.77 -8.72 28.40
C VAL B 31 11.19 -10.11 28.44
N ALA B 32 10.93 -10.89 27.40
CA ALA B 32 11.14 -12.30 27.43
C ALA B 32 11.18 -12.91 26.06
N VAL B 33 12.02 -13.93 25.85
CA VAL B 33 11.92 -14.84 24.72
C VAL B 33 11.51 -16.23 25.15
N PHE B 34 10.46 -16.76 24.50
CA PHE B 34 9.92 -18.09 24.79
C PHE B 34 10.36 -19.00 23.70
N THR B 35 10.90 -20.15 24.04
CA THR B 35 11.40 -21.06 23.08
C THR B 35 10.90 -22.45 23.02
N ARG B 36 10.78 -22.95 21.80
CA ARG B 36 10.39 -24.34 21.57
C ARG B 36 11.61 -25.24 22.02
N ARG B 37 12.89 -24.89 21.89
N ARG B 37 12.89 -24.91 21.85
CA ARG B 37 14.01 -25.62 22.48
CA ARG B 37 14.01 -25.63 22.46
C ARG B 37 14.10 -25.41 23.99
C ARG B 37 14.15 -25.39 23.97
N ASP B 38 14.85 -26.27 24.67
CA ASP B 38 15.11 -25.96 26.07
C ASP B 38 15.74 -24.58 26.14
N PRO B 39 15.29 -23.75 27.06
CA PRO B 39 15.85 -22.40 27.14
C PRO B 39 17.35 -22.39 27.41
N LYS B 40 17.83 -23.30 28.25
CA LYS B 40 19.25 -23.33 28.58
C LYS B 40 20.12 -23.52 27.34
N THR B 41 19.64 -24.27 26.36
CA THR B 41 20.41 -24.49 25.14
C THR B 41 20.39 -23.33 24.03
N VAL B 42 19.71 -22.25 24.34
CA VAL B 42 19.46 -21.20 23.36
C VAL B 42 20.14 -19.97 23.89
N ALA B 43 20.97 -19.35 23.05
CA ALA B 43 21.61 -18.09 23.42
C ALA B 43 20.88 -16.95 22.76
N VAL B 44 20.18 -16.14 23.55
CA VAL B 44 19.44 -14.98 23.06
C VAL B 44 20.37 -13.76 23.17
N LYS B 45 20.46 -12.99 22.10
CA LYS B 45 21.34 -11.83 22.07
C LYS B 45 21.04 -10.74 23.10
N SER B 46 19.77 -10.39 23.28
CA SER B 46 19.41 -9.37 24.25
C SER B 46 19.51 -9.91 25.68
N ASN B 47 19.71 -9.02 26.64
CA ASN B 47 19.81 -9.44 28.04
C ASN B 47 18.41 -9.55 28.62
N VAL B 48 17.69 -10.60 28.26
CA VAL B 48 16.34 -10.80 28.72
C VAL B 48 15.98 -12.24 29.04
N LYS B 49 14.99 -12.41 29.91
CA LYS B 49 14.45 -13.73 30.28
C LYS B 49 14.36 -14.55 29.03
N VAL B 50 14.89 -15.75 29.15
CA VAL B 50 14.71 -16.86 28.20
C VAL B 50 13.92 -18.05 28.88
N LEU B 51 12.71 -18.33 28.40
CA LEU B 51 11.80 -19.37 28.97
C LEU B 51 11.38 -20.45 27.95
N HIS B 52 10.87 -21.58 28.45
CA HIS B 52 10.35 -22.62 27.57
C HIS B 52 8.92 -22.20 27.20
N VAL B 53 8.34 -22.75 26.15
CA VAL B 53 6.97 -22.36 25.79
C VAL B 53 5.92 -22.72 26.84
N ASP B 54 6.11 -23.85 27.48
CA ASP B 54 5.17 -24.29 28.52
C ASP B 54 5.09 -23.26 29.64
N ASP B 55 6.21 -22.63 29.92
CA ASP B 55 6.32 -21.60 30.96
C ASP B 55 5.51 -20.33 30.71
N ALA B 56 5.15 -20.08 29.46
CA ALA B 56 4.44 -18.86 29.12
C ALA B 56 3.09 -18.67 29.82
N GLN B 57 2.32 -19.73 29.98
CA GLN B 57 1.03 -19.58 30.63
C GLN B 57 1.22 -18.83 31.95
N SER B 58 2.38 -19.04 32.57
CA SER B 58 2.73 -18.40 33.85
C SER B 58 3.06 -16.90 33.80
N TYR B 59 3.28 -16.35 32.61
CA TYR B 59 3.66 -14.94 32.45
C TYR B 59 2.61 -13.94 31.93
N LYS B 60 1.33 -14.20 32.15
CA LYS B 60 0.29 -13.31 31.63
C LYS B 60 0.35 -11.86 32.10
N ASP B 61 0.63 -11.63 33.38
CA ASP B 61 0.71 -10.26 33.92
C ASP B 61 1.86 -9.42 33.36
N GLU B 62 3.01 -10.05 33.19
CA GLU B 62 4.21 -9.41 32.70
C GLU B 62 4.20 -8.87 31.25
N ILE B 63 3.56 -9.57 30.34
CA ILE B 63 3.55 -9.17 28.92
C ILE B 63 2.27 -8.60 28.32
N ASP B 64 2.41 -7.46 27.66
CA ASP B 64 1.33 -6.77 26.93
C ASP B 64 0.92 -7.39 25.59
N VAL B 65 1.91 -7.73 24.76
CA VAL B 65 1.70 -8.33 23.46
C VAL B 65 2.73 -9.42 23.23
N MET B 66 2.27 -10.58 22.77
CA MET B 66 3.15 -11.68 22.49
C MET B 66 3.21 -11.81 20.97
N ILE B 67 4.41 -11.76 20.42
CA ILE B 67 4.54 -11.88 18.98
C ILE B 67 4.96 -13.30 18.66
N LEU B 68 4.12 -13.99 17.92
CA LEU B 68 4.39 -15.38 17.54
C LEU B 68 5.27 -15.34 16.31
N CYS B 69 6.45 -15.92 16.45
CA CYS B 69 7.45 -15.92 15.38
C CYS B 69 7.71 -17.24 14.79
N GLY B 70 6.85 -18.22 15.06
CA GLY B 70 7.01 -19.56 14.46
C GLY B 70 6.54 -19.71 12.99
N GLY B 71 6.84 -20.86 12.40
CA GLY B 71 6.42 -21.18 11.04
C GLY B 71 4.94 -21.49 10.88
N SER B 72 4.40 -21.13 9.71
CA SER B 72 2.99 -21.36 9.38
C SER B 72 2.50 -22.81 9.22
N ALA B 73 3.31 -23.68 8.62
CA ALA B 73 2.89 -25.05 8.38
C ALA B 73 2.53 -25.90 9.60
N THR B 74 3.34 -25.82 10.65
CA THR B 74 3.05 -26.62 11.85
C THR B 74 2.93 -25.85 13.17
N ASP B 75 3.88 -24.96 13.44
CA ASP B 75 3.87 -24.22 14.70
C ASP B 75 2.69 -23.28 14.96
N LEU B 76 2.33 -22.48 13.95
CA LEU B 76 1.24 -21.51 14.11
C LEU B 76 -0.16 -22.08 14.30
N PRO B 77 -0.50 -23.15 13.60
CA PRO B 77 -1.84 -23.69 13.80
C PRO B 77 -1.99 -24.09 15.25
N GLU B 78 -1.00 -24.79 15.80
CA GLU B 78 -1.04 -25.16 17.20
C GLU B 78 -0.87 -23.97 18.15
N GLN B 79 0.13 -23.14 17.84
CA GLN B 79 0.48 -21.96 18.64
C GLN B 79 -0.48 -20.78 18.72
N GLY B 80 -1.08 -20.41 17.59
CA GLY B 80 -2.00 -19.29 17.58
C GLY B 80 -3.23 -19.51 18.45
N PRO B 81 -3.98 -20.60 18.21
CA PRO B 81 -5.22 -20.62 19.08
C PRO B 81 -4.85 -20.87 20.59
N TYR B 82 -3.69 -21.42 20.83
CA TYR B 82 -3.18 -21.56 22.21
C TYR B 82 -2.78 -20.27 22.91
N PHE B 83 -1.85 -19.51 22.34
CA PHE B 83 -1.41 -18.31 23.02
C PHE B 83 -2.51 -17.32 23.11
N ALA B 84 -3.49 -17.40 22.22
CA ALA B 84 -4.63 -16.49 22.17
C ALA B 84 -5.42 -16.59 23.45
N GLN B 85 -5.48 -17.80 23.98
CA GLN B 85 -6.20 -18.09 25.21
C GLN B 85 -5.60 -17.27 26.36
N TYR B 86 -4.27 -17.07 26.36
CA TYR B 86 -3.63 -16.31 27.43
C TYR B 86 -3.06 -14.91 27.13
N PHE B 87 -2.84 -14.55 25.87
CA PHE B 87 -2.31 -13.20 25.56
C PHE B 87 -2.79 -12.60 24.25
N ASN B 88 -2.60 -11.28 24.13
CA ASN B 88 -2.84 -10.52 22.90
C ASN B 88 -1.68 -10.95 22.03
N THR B 89 -1.95 -11.34 20.81
CA THR B 89 -0.93 -11.82 19.96
C THR B 89 -0.87 -11.26 18.56
N ILE B 90 0.33 -11.34 18.00
CA ILE B 90 0.58 -11.01 16.58
C ILE B 90 1.16 -12.21 15.92
N ASP B 91 0.82 -12.45 14.62
CA ASP B 91 1.51 -13.49 13.88
C ASP B 91 1.57 -13.20 12.38
N SER B 92 2.31 -14.02 11.71
CA SER B 92 2.53 -13.90 10.22
C SER B 92 1.94 -15.18 9.48
N PHE B 93 0.84 -15.75 9.98
CA PHE B 93 0.33 -16.97 9.36
C PHE B 93 0.16 -16.71 7.88
N ALA B 94 0.77 -17.59 7.08
CA ALA B 94 0.77 -17.44 5.64
C ALA B 94 0.06 -18.49 4.77
N THR B 95 -0.62 -19.46 5.36
CA THR B 95 -1.28 -20.47 4.54
C THR B 95 -2.64 -19.89 4.20
N HIS B 96 -2.76 -19.40 2.97
CA HIS B 96 -3.99 -18.76 2.50
C HIS B 96 -5.20 -19.66 2.50
N ALA B 97 -5.02 -20.90 2.08
CA ALA B 97 -6.16 -21.86 2.02
C ALA B 97 -6.69 -22.17 3.42
N ARG B 98 -5.83 -22.06 4.43
CA ARG B 98 -6.21 -22.37 5.80
C ARG B 98 -6.52 -21.15 6.62
N ILE B 99 -6.36 -19.95 6.06
CA ILE B 99 -6.65 -18.74 6.84
C ILE B 99 -8.06 -18.73 7.43
N PRO B 100 -9.09 -19.09 6.68
CA PRO B 100 -10.35 -18.93 7.40
C PRO B 100 -10.51 -19.83 8.65
N ASP B 101 -10.04 -21.06 8.52
CA ASP B 101 -10.08 -22.02 9.62
C ASP B 101 -9.22 -21.50 10.76
N TYR B 102 -8.06 -20.93 10.42
CA TYR B 102 -7.12 -20.44 11.42
C TYR B 102 -7.69 -19.21 12.15
N PHE B 103 -8.25 -18.27 11.40
CA PHE B 103 -8.82 -17.09 11.98
C PHE B 103 -9.91 -17.49 13.03
N ASP B 104 -10.76 -18.42 12.61
CA ASP B 104 -11.89 -18.94 13.41
C ASP B 104 -11.37 -19.56 14.76
N ALA B 105 -10.34 -20.41 14.69
CA ALA B 105 -9.81 -21.08 15.84
C ALA B 105 -9.20 -20.04 16.76
N VAL B 106 -8.45 -19.12 16.19
CA VAL B 106 -7.88 -18.02 16.93
C VAL B 106 -8.91 -17.07 17.51
N ASN B 107 -9.93 -16.74 16.75
CA ASN B 107 -10.99 -15.89 17.21
C ASN B 107 -11.76 -16.55 18.39
N ALA B 108 -12.03 -17.84 18.31
CA ALA B 108 -12.78 -18.54 19.38
C ALA B 108 -11.93 -18.47 20.67
N ALA B 109 -10.65 -18.80 20.55
CA ALA B 109 -9.78 -18.55 21.73
C ALA B 109 -9.81 -17.11 22.22
N ALA B 110 -9.56 -16.18 21.34
CA ALA B 110 -9.35 -14.78 21.70
C ALA B 110 -10.64 -14.09 22.22
N GLU B 111 -11.80 -14.49 21.69
CA GLU B 111 -13.07 -13.95 22.19
C GLU B 111 -13.32 -14.40 23.65
N GLN B 112 -13.11 -15.70 23.90
CA GLN B 112 -13.30 -16.34 25.18
C GLN B 112 -12.35 -15.78 26.23
N SER B 113 -11.12 -15.54 25.82
CA SER B 113 -10.08 -14.99 26.70
C SER B 113 -10.06 -13.47 26.77
N GLY B 114 -10.87 -12.82 25.93
CA GLY B 114 -10.92 -11.37 25.88
C GLY B 114 -9.63 -10.66 25.50
N LYS B 115 -8.89 -11.25 24.57
CA LYS B 115 -7.62 -10.68 24.11
C LYS B 115 -7.66 -10.39 22.60
N VAL B 116 -6.85 -9.45 22.14
CA VAL B 116 -6.81 -9.10 20.69
C VAL B 116 -5.73 -9.90 20.00
N ALA B 117 -6.06 -10.63 18.92
CA ALA B 117 -5.05 -11.31 18.17
C ALA B 117 -5.03 -10.84 16.71
N ILE B 118 -3.89 -10.48 16.21
CA ILE B 118 -3.91 -9.98 14.81
C ILE B 118 -3.09 -11.08 14.09
N ILE B 119 -3.75 -11.67 13.09
CA ILE B 119 -3.22 -12.77 12.33
C ILE B 119 -2.65 -12.25 11.03
N SER B 120 -1.71 -13.01 10.46
CA SER B 120 -1.39 -12.90 9.04
C SER B 120 -0.91 -11.49 8.67
N VAL B 121 0.00 -10.98 9.49
CA VAL B 121 0.65 -9.71 9.29
C VAL B 121 1.94 -9.99 8.51
N GLY B 122 2.31 -9.09 7.59
CA GLY B 122 3.50 -9.28 6.80
C GLY B 122 3.36 -8.79 5.38
N TRP B 123 4.31 -9.16 4.53
CA TRP B 123 4.28 -8.77 3.12
C TRP B 123 3.13 -9.41 2.34
N ASP B 124 2.99 -10.73 2.47
CA ASP B 124 1.90 -11.48 1.85
C ASP B 124 1.74 -12.80 2.58
N PRO B 125 0.69 -12.96 3.37
CA PRO B 125 -0.39 -11.98 3.55
C PRO B 125 0.04 -10.73 4.28
N GLY B 126 -0.79 -9.70 4.22
CA GLY B 126 -0.48 -8.44 4.84
C GLY B 126 -0.60 -7.31 3.83
N LEU B 127 0.54 -6.72 3.47
CA LEU B 127 0.53 -5.62 2.54
C LEU B 127 -0.08 -6.01 1.19
N PHE B 128 0.27 -7.18 0.68
CA PHE B 128 -0.26 -7.62 -0.60
C PHE B 128 -1.77 -7.82 -0.54
N SER B 129 -2.26 -8.31 0.61
CA SER B 129 -3.69 -8.52 0.80
C SER B 129 -4.39 -7.17 0.67
N LEU B 130 -3.79 -6.14 1.27
CA LEU B 130 -4.35 -4.80 1.21
C LEU B 130 -4.35 -4.32 -0.24
N ASN B 131 -3.27 -4.61 -0.97
CA ASN B 131 -3.18 -4.23 -2.39
C ASN B 131 -4.33 -4.90 -3.20
N ARG B 132 -4.57 -6.20 -2.97
CA ARG B 132 -5.61 -6.93 -3.65
C ARG B 132 -7.00 -6.32 -3.37
N LEU B 133 -7.25 -6.00 -2.10
CA LEU B 133 -8.53 -5.40 -1.73
C LEU B 133 -8.70 -4.03 -2.38
N LEU B 134 -7.64 -3.22 -2.37
CA LEU B 134 -7.69 -1.88 -2.95
C LEU B 134 -7.94 -1.94 -4.44
N GLY B 135 -7.29 -2.88 -5.12
CA GLY B 135 -7.46 -3.03 -6.55
C GLY B 135 -8.90 -3.35 -6.86
N GLU B 136 -9.50 -4.23 -6.05
CA GLU B 136 -10.88 -4.62 -6.22
C GLU B 136 -11.88 -3.48 -6.01
N VAL B 137 -11.65 -2.63 -5.01
CA VAL B 137 -12.60 -1.57 -4.77
C VAL B 137 -12.43 -0.39 -5.68
N VAL B 138 -11.25 -0.24 -6.28
CA VAL B 138 -11.01 0.73 -7.28
C VAL B 138 -11.33 0.27 -8.75
N LEU B 139 -11.24 -1.00 -9.11
CA LEU B 139 -11.68 -1.54 -10.44
C LEU B 139 -12.56 -2.78 -10.14
N PRO B 140 -13.87 -2.58 -9.85
CA PRO B 140 -14.64 -3.67 -9.23
C PRO B 140 -14.88 -4.78 -10.17
N VAL B 141 -14.79 -4.50 -11.48
CA VAL B 141 -14.92 -5.61 -12.45
C VAL B 141 -13.58 -5.87 -13.11
N GLY B 142 -13.03 -7.01 -12.82
CA GLY B 142 -11.74 -7.32 -13.24
C GLY B 142 -11.11 -8.52 -12.61
N ASN B 143 -9.82 -8.67 -12.87
CA ASN B 143 -9.04 -9.80 -12.37
C ASN B 143 -7.79 -9.34 -11.63
N THR B 144 -7.42 -10.12 -10.62
CA THR B 144 -6.24 -9.81 -9.80
C THR B 144 -5.14 -10.85 -9.93
N TYR B 145 -3.91 -10.38 -10.09
CA TYR B 145 -2.75 -11.26 -10.19
C TYR B 145 -1.65 -10.84 -9.22
N THR B 146 -1.08 -11.80 -8.50
CA THR B 146 -0.01 -11.51 -7.54
C THR B 146 1.28 -12.22 -7.94
N PHE B 147 2.37 -11.47 -8.01
CA PHE B 147 3.67 -12.01 -8.38
C PHE B 147 4.73 -11.66 -7.33
N TRP B 148 5.60 -12.60 -7.04
CA TRP B 148 6.66 -12.37 -6.08
C TRP B 148 7.99 -12.85 -6.63
N GLY B 149 9.06 -12.17 -6.22
CA GLY B 149 10.40 -12.59 -6.56
C GLY B 149 11.13 -12.53 -5.23
N LYS B 150 11.65 -13.66 -4.74
CA LYS B 150 12.35 -13.61 -3.47
C LYS B 150 13.05 -14.92 -3.22
N GLY B 151 13.99 -14.89 -2.29
CA GLY B 151 14.71 -16.09 -1.91
C GLY B 151 13.74 -17.01 -1.19
N VAL B 152 13.89 -18.30 -1.38
CA VAL B 152 13.04 -19.28 -0.72
C VAL B 152 13.91 -20.37 -0.14
N SER B 153 13.41 -21.04 0.89
CA SER B 153 14.15 -22.11 1.53
C SER B 153 14.36 -23.30 0.60
N LEU B 154 15.56 -23.87 0.67
CA LEU B 154 15.93 -25.02 -0.14
C LEU B 154 15.09 -26.24 0.23
N GLY B 155 15.31 -27.34 -0.47
CA GLY B 155 14.57 -28.57 -0.21
C GLY B 155 14.95 -29.22 1.10
N GLY B 158 18.96 -29.25 4.63
CA GLY B 158 20.33 -29.82 4.46
C GLY B 158 20.46 -30.84 3.31
N ALA B 159 19.40 -30.94 2.50
CA ALA B 159 19.32 -32.05 1.56
C ALA B 159 20.21 -31.79 0.30
N ILE B 160 20.01 -30.68 -0.37
CA ILE B 160 20.78 -30.36 -1.56
C ILE B 160 22.27 -30.25 -1.15
N ARG B 161 22.52 -29.68 0.04
CA ARG B 161 23.87 -29.52 0.57
C ARG B 161 24.60 -30.82 0.89
N ARG B 162 23.90 -31.95 0.95
CA ARG B 162 24.53 -33.24 1.18
C ARG B 162 24.86 -33.95 -0.12
N ILE B 163 24.51 -33.34 -1.27
CA ILE B 163 24.74 -33.98 -2.55
C ILE B 163 26.20 -33.81 -2.85
N GLN B 164 26.84 -34.90 -3.27
CA GLN B 164 28.18 -34.84 -3.72
C GLN B 164 28.43 -33.85 -4.87
N GLY B 165 29.39 -32.96 -4.64
CA GLY B 165 29.82 -31.95 -5.63
C GLY B 165 29.18 -30.57 -5.37
N VAL B 166 28.23 -30.49 -4.44
CA VAL B 166 27.55 -29.20 -4.19
C VAL B 166 28.34 -28.50 -3.14
N LYS B 167 28.96 -27.37 -3.46
CA LYS B 167 29.53 -26.54 -2.47
C LYS B 167 28.61 -25.61 -1.77
N ASN B 168 27.68 -25.01 -2.53
CA ASN B 168 26.71 -24.10 -1.93
C ASN B 168 25.52 -24.10 -2.85
N ALA B 169 24.36 -23.66 -2.34
CA ALA B 169 23.08 -23.68 -3.10
C ALA B 169 22.18 -22.63 -2.51
N VAL B 170 21.34 -21.99 -3.34
CA VAL B 170 20.32 -21.00 -2.79
C VAL B 170 19.21 -21.04 -3.88
N GLN B 171 17.98 -20.83 -3.45
CA GLN B 171 16.84 -21.01 -4.31
C GLN B 171 16.02 -19.73 -4.28
N TYR B 172 15.43 -19.37 -5.45
CA TYR B 172 14.52 -18.17 -5.57
C TYR B 172 13.29 -18.52 -6.28
N ILE B 173 12.20 -17.85 -5.93
CA ILE B 173 10.93 -17.95 -6.73
C ILE B 173 11.00 -16.70 -7.55
N ILE B 174 10.66 -16.83 -8.83
CA ILE B 174 10.69 -15.67 -9.74
C ILE B 174 9.43 -15.71 -10.58
N PRO B 175 8.83 -14.53 -10.87
CA PRO B 175 7.69 -14.52 -11.82
C PRO B 175 8.09 -14.99 -13.21
N ILE B 176 7.19 -15.64 -13.93
CA ILE B 176 7.47 -16.06 -15.28
C ILE B 176 7.15 -14.83 -16.12
N ASP B 177 8.12 -14.39 -16.93
CA ASP B 177 7.97 -13.19 -17.74
C ASP B 177 6.82 -13.23 -18.73
N GLU B 178 6.61 -14.37 -19.37
CA GLU B 178 5.54 -14.48 -20.34
C GLU B 178 4.17 -14.26 -19.70
N ALA B 179 3.98 -14.81 -18.51
CA ALA B 179 2.71 -14.64 -17.78
C ALA B 179 2.47 -13.18 -17.35
N VAL B 180 3.52 -12.55 -16.83
CA VAL B 180 3.46 -11.17 -16.41
C VAL B 180 3.11 -10.32 -17.60
N ASN B 181 3.81 -10.50 -18.70
CA ASN B 181 3.47 -9.69 -19.88
C ASN B 181 2.00 -9.78 -20.29
N ARG B 182 1.52 -11.00 -20.40
CA ARG B 182 0.15 -11.30 -20.69
C ARG B 182 -0.76 -10.45 -19.75
N VAL B 183 -0.48 -10.48 -18.45
CA VAL B 183 -1.36 -9.76 -17.54
C VAL B 183 -1.17 -8.26 -17.84
N ARG B 184 0.06 -7.80 -17.97
CA ARG B 184 0.29 -6.33 -18.21
C ARG B 184 -0.39 -5.78 -19.47
N SER B 185 -0.55 -6.66 -20.45
CA SER B 185 -1.18 -6.27 -21.72
C SER B 185 -2.71 -6.19 -21.66
N GLY B 186 -3.33 -6.59 -20.58
CA GLY B 186 -4.80 -6.53 -20.44
C GLY B 186 -5.50 -7.68 -21.11
N GLU B 187 -4.80 -8.74 -21.39
CA GLU B 187 -5.39 -9.92 -21.92
C GLU B 187 -6.25 -10.68 -20.90
N ASN B 188 -6.06 -10.42 -19.57
CA ASN B 188 -6.80 -11.18 -18.56
C ASN B 188 -6.68 -12.71 -18.66
N PRO B 189 -5.44 -13.26 -18.69
CA PRO B 189 -5.21 -14.65 -18.78
C PRO B 189 -5.69 -15.48 -17.64
N GLU B 190 -6.02 -16.73 -17.94
CA GLU B 190 -6.25 -17.73 -16.91
C GLU B 190 -4.86 -18.28 -16.69
N LEU B 191 -4.32 -18.03 -15.51
CA LEU B 191 -2.98 -18.55 -15.11
C LEU B 191 -3.10 -19.47 -13.89
N SER B 192 -2.65 -20.71 -14.01
CA SER B 192 -2.38 -21.60 -12.87
C SER B 192 -1.17 -21.12 -12.02
N THR B 193 -1.06 -21.75 -10.85
CA THR B 193 0.03 -21.51 -9.95
C THR B 193 1.32 -21.80 -10.67
N ARG B 194 1.32 -22.87 -11.47
CA ARG B 194 2.54 -23.30 -12.10
C ARG B 194 2.92 -22.35 -13.25
N GLU B 195 1.91 -21.68 -13.82
CA GLU B 195 2.13 -20.78 -14.91
C GLU B 195 2.67 -19.36 -14.46
N LYS B 196 2.49 -19.04 -13.21
CA LYS B 196 2.84 -17.72 -12.76
C LYS B 196 4.26 -17.52 -12.29
N HIS B 197 4.81 -18.54 -11.66
CA HIS B 197 6.18 -18.49 -11.06
C HIS B 197 7.03 -19.70 -11.38
N ALA B 198 8.33 -19.52 -11.40
CA ALA B 198 9.26 -20.68 -11.56
C ALA B 198 10.21 -20.58 -10.42
N MET B 199 10.81 -21.73 -10.05
CA MET B 199 11.92 -21.79 -9.08
C MET B 199 13.24 -21.78 -9.85
N GLU B 200 14.23 -21.07 -9.29
CA GLU B 200 15.56 -21.09 -9.78
C GLU B 200 16.46 -21.56 -8.67
N CYS B 201 17.22 -22.63 -8.95
CA CYS B 201 18.08 -23.22 -7.94
C CYS B 201 19.48 -22.87 -8.45
N PHE B 202 20.18 -22.03 -7.69
CA PHE B 202 21.55 -21.67 -8.01
C PHE B 202 22.56 -22.48 -7.16
N VAL B 203 23.44 -23.17 -7.84
CA VAL B 203 24.34 -24.11 -7.23
C VAL B 203 25.79 -23.73 -7.59
N VAL B 204 26.60 -23.68 -6.55
CA VAL B 204 28.10 -23.60 -6.72
C VAL B 204 28.69 -25.00 -6.58
N LEU B 205 29.30 -25.45 -7.67
CA LEU B 205 29.95 -26.79 -7.75
C LEU B 205 31.29 -26.79 -7.03
N GLU B 206 31.63 -27.91 -6.39
CA GLU B 206 33.03 -28.09 -5.86
C GLU B 206 33.91 -28.26 -7.06
N GLU B 207 35.21 -27.93 -7.00
CA GLU B 207 36.07 -28.12 -8.18
C GLU B 207 36.08 -29.64 -8.42
N GLY B 208 35.96 -29.99 -9.67
CA GLY B 208 35.85 -31.37 -10.14
C GLY B 208 34.48 -32.02 -10.30
N ALA B 209 33.46 -31.41 -9.70
CA ALA B 209 32.12 -31.95 -9.75
C ALA B 209 31.51 -32.00 -11.15
N ASP B 210 30.66 -33.00 -11.38
CA ASP B 210 30.01 -33.18 -12.67
C ASP B 210 28.64 -32.51 -12.60
N PRO B 211 28.41 -31.49 -13.43
CA PRO B 211 27.12 -30.78 -13.40
C PRO B 211 25.91 -31.65 -13.73
N ALA B 212 26.04 -32.54 -14.70
CA ALA B 212 24.96 -33.40 -15.04
C ALA B 212 24.55 -34.34 -13.86
N LYS B 213 25.53 -34.89 -13.15
CA LYS B 213 25.22 -35.79 -12.04
C LYS B 213 24.58 -35.08 -10.89
N VAL B 214 25.11 -33.93 -10.56
CA VAL B 214 24.63 -33.10 -9.49
C VAL B 214 23.16 -32.69 -9.80
N GLU B 215 22.88 -32.27 -11.02
CA GLU B 215 21.46 -31.93 -11.40
C GLU B 215 20.52 -33.12 -11.30
N HIS B 216 21.00 -34.29 -11.75
CA HIS B 216 20.20 -35.49 -11.74
C HIS B 216 19.87 -35.82 -10.29
N GLU B 217 20.86 -35.72 -9.43
CA GLU B 217 20.67 -36.00 -8.01
C GLU B 217 19.70 -35.01 -7.36
N ILE B 218 19.82 -33.74 -7.74
CA ILE B 218 18.95 -32.71 -7.20
C ILE B 218 17.50 -32.99 -7.57
N LYS B 219 17.29 -33.41 -8.81
CA LYS B 219 15.90 -33.70 -9.28
C LYS B 219 15.29 -34.94 -8.65
N THR B 220 16.10 -35.78 -8.02
CA THR B 220 15.63 -37.00 -7.33
C THR B 220 15.20 -36.67 -5.92
N MET B 221 15.46 -35.46 -5.46
CA MET B 221 15.09 -35.11 -4.11
C MET B 221 13.58 -35.27 -3.96
N PRO B 222 13.15 -35.79 -2.82
CA PRO B 222 11.72 -35.98 -2.66
C PRO B 222 10.96 -34.67 -2.79
N ASN B 223 9.87 -34.72 -3.55
CA ASN B 223 8.99 -33.58 -3.78
C ASN B 223 9.57 -32.40 -4.56
N PHE B 224 10.58 -32.66 -5.37
CA PHE B 224 11.22 -31.62 -6.17
C PHE B 224 10.28 -30.98 -7.19
N PHE B 225 9.44 -31.81 -7.81
CA PHE B 225 8.50 -31.39 -8.85
C PHE B 225 7.07 -31.08 -8.42
N ASP B 226 6.81 -30.98 -7.11
CA ASP B 226 5.46 -30.82 -6.58
C ASP B 226 4.54 -29.63 -6.96
N GLU B 227 5.03 -28.40 -7.01
CA GLU B 227 4.15 -27.27 -7.36
C GLU B 227 4.61 -26.28 -8.44
N TYR B 228 5.91 -26.25 -8.68
CA TYR B 228 6.53 -25.35 -9.63
C TYR B 228 7.54 -26.10 -10.44
N ASP B 229 7.82 -25.55 -11.61
CA ASP B 229 8.89 -26.01 -12.41
C ASP B 229 10.14 -25.35 -11.90
N THR B 230 11.26 -26.08 -11.97
CA THR B 230 12.53 -25.55 -11.45
C THR B 230 13.70 -25.68 -12.45
N THR B 231 14.52 -24.62 -12.54
CA THR B 231 15.69 -24.62 -13.36
C THR B 231 16.87 -24.64 -12.36
N VAL B 232 17.84 -25.47 -12.63
CA VAL B 232 19.15 -25.45 -11.97
C VAL B 232 20.17 -24.67 -12.77
N HIS B 233 20.83 -23.75 -12.13
CA HIS B 233 21.87 -22.96 -12.68
C HIS B 233 23.13 -23.12 -11.88
N PHE B 234 24.21 -23.50 -12.57
CA PHE B 234 25.53 -23.58 -11.90
C PHE B 234 26.31 -22.29 -12.08
N ILE B 235 26.75 -21.70 -10.98
CA ILE B 235 27.41 -20.42 -11.05
C ILE B 235 28.61 -20.46 -10.14
N SER B 236 29.43 -19.40 -10.11
CA SER B 236 30.54 -19.29 -9.14
C SER B 236 30.15 -18.75 -7.77
N GLU B 237 31.04 -18.92 -6.79
CA GLU B 237 30.77 -18.43 -5.46
C GLU B 237 30.64 -16.91 -5.53
N GLU B 238 31.49 -16.30 -6.34
CA GLU B 238 31.46 -14.85 -6.52
C GLU B 238 30.16 -14.41 -7.18
N GLU B 239 29.71 -15.15 -8.19
CA GLU B 239 28.46 -14.83 -8.88
C GLU B 239 27.27 -14.92 -7.91
N LEU B 240 27.26 -15.95 -7.09
CA LEU B 240 26.16 -16.12 -6.15
C LEU B 240 26.11 -14.94 -5.18
N LYS B 241 27.27 -14.52 -4.69
CA LYS B 241 27.33 -13.39 -3.77
C LYS B 241 26.91 -12.06 -4.41
N GLN B 242 27.43 -11.80 -5.60
CA GLN B 242 27.13 -10.55 -6.31
C GLN B 242 25.71 -10.35 -6.83
N ASN B 243 25.17 -11.39 -7.47
CA ASN B 243 23.84 -11.32 -8.06
C ASN B 243 22.78 -12.16 -7.37
N HIS B 244 23.10 -12.70 -6.19
CA HIS B 244 22.11 -13.60 -5.55
C HIS B 244 22.18 -13.68 -4.00
N MET B 247 18.49 -11.12 -5.26
CA MET B 247 19.11 -10.22 -4.29
C MET B 247 18.06 -9.42 -3.54
N PRO B 248 17.28 -8.65 -4.27
CA PRO B 248 16.23 -7.87 -3.63
C PRO B 248 14.90 -8.60 -3.70
N ASN B 249 14.27 -8.79 -2.57
CA ASN B 249 12.99 -9.45 -2.57
C ASN B 249 11.96 -8.41 -2.98
N GLY B 250 10.94 -8.83 -3.71
CA GLY B 250 9.89 -7.86 -4.08
C GLY B 250 8.78 -8.58 -4.82
N GLY B 251 7.79 -7.79 -5.19
CA GLY B 251 6.76 -8.31 -6.01
C GLY B 251 5.76 -7.21 -6.38
N PHE B 252 4.66 -7.63 -6.92
CA PHE B 252 3.64 -6.68 -7.37
C PHE B 252 2.29 -7.35 -7.49
N VAL B 253 1.25 -6.56 -7.20
CA VAL B 253 -0.13 -6.94 -7.38
C VAL B 253 -0.72 -6.12 -8.52
N ILE B 254 -1.24 -6.82 -9.54
CA ILE B 254 -1.86 -6.16 -10.67
C ILE B 254 -3.34 -6.46 -10.74
N ARG B 255 -4.14 -5.39 -10.81
CA ARG B 255 -5.58 -5.41 -11.08
C ARG B 255 -5.82 -4.94 -12.52
N SER B 256 -6.47 -5.82 -13.29
CA SER B 256 -6.72 -5.63 -14.71
C SER B 256 -8.22 -5.53 -14.91
N GLY B 257 -8.71 -4.40 -15.40
CA GLY B 257 -10.13 -4.23 -15.63
C GLY B 257 -10.61 -4.89 -16.91
N LYS B 258 -11.86 -4.63 -17.27
CA LYS B 258 -12.45 -5.21 -18.47
C LYS B 258 -12.13 -4.39 -19.72
N LYS B 264 -8.29 -1.15 -22.01
CA LYS B 264 -7.77 -1.91 -20.80
C LYS B 264 -7.31 -0.96 -19.66
N GLN B 265 -7.69 -1.27 -18.40
CA GLN B 265 -7.33 -0.48 -17.27
C GLN B 265 -6.53 -1.40 -16.36
N ILE B 266 -5.37 -0.94 -16.00
CA ILE B 266 -4.41 -1.71 -15.21
C ILE B 266 -3.94 -0.90 -14.08
N ILE B 267 -3.98 -1.43 -12.85
CA ILE B 267 -3.39 -0.71 -11.73
C ILE B 267 -2.38 -1.68 -11.11
N GLU B 268 -1.15 -1.27 -10.85
CA GLU B 268 -0.15 -2.15 -10.36
C GLU B 268 0.45 -1.57 -9.07
N PHE B 269 0.39 -2.37 -8.00
CA PHE B 269 0.96 -1.93 -6.73
C PHE B 269 2.23 -2.77 -6.51
N SER B 270 3.34 -2.12 -6.17
CA SER B 270 4.61 -2.91 -6.06
C SER B 270 5.30 -2.69 -4.71
N LEU B 271 6.17 -3.60 -4.36
CA LEU B 271 7.07 -3.53 -3.17
C LEU B 271 8.41 -4.04 -3.58
N ASN B 272 9.47 -3.27 -3.28
CA ASN B 272 10.84 -3.72 -3.45
C ASN B 272 11.58 -3.54 -2.05
N LEU B 273 12.30 -4.58 -1.65
CA LEU B 273 13.04 -4.60 -0.41
C LEU B 273 14.51 -4.79 -0.75
N GLU B 274 15.36 -3.93 -0.22
CA GLU B 274 16.78 -4.01 -0.50
C GLU B 274 17.62 -4.07 0.77
N SER B 275 18.70 -4.85 0.70
CA SER B 275 19.60 -5.03 1.83
C SER B 275 18.99 -5.66 3.10
N ASN B 276 18.14 -6.66 2.91
CA ASN B 276 17.53 -7.35 4.05
C ASN B 276 16.80 -6.49 5.08
N PRO B 277 15.79 -5.75 4.66
CA PRO B 277 15.07 -4.91 5.62
C PRO B 277 14.38 -5.68 6.74
N MET B 278 14.09 -6.95 6.52
CA MET B 278 13.36 -7.72 7.54
C MET B 278 11.96 -7.16 7.75
N PHE B 279 11.33 -6.87 6.63
CA PHE B 279 9.94 -6.31 6.55
C PHE B 279 8.93 -6.94 7.49
N THR B 280 8.81 -8.23 7.40
CA THR B 280 7.77 -8.88 8.15
C THR B 280 8.05 -8.74 9.67
N SER B 281 9.29 -8.92 10.06
CA SER B 281 9.66 -8.83 11.52
C SER B 281 9.25 -7.47 12.02
N SER B 282 9.57 -6.46 11.28
CA SER B 282 9.29 -5.07 11.71
C SER B 282 7.77 -4.80 11.66
N ALA B 283 7.07 -5.35 10.61
CA ALA B 283 5.64 -5.24 10.61
C ALA B 283 4.97 -5.84 11.85
N LEU B 284 5.50 -6.97 12.30
CA LEU B 284 4.92 -7.63 13.52
C LEU B 284 4.98 -6.71 14.71
N VAL B 285 6.10 -6.03 14.83
CA VAL B 285 6.35 -5.03 15.92
C VAL B 285 5.40 -3.87 15.79
N ALA B 286 5.28 -3.27 14.59
CA ALA B 286 4.24 -2.24 14.43
C ALA B 286 2.83 -2.68 14.71
N TYR B 287 2.40 -3.83 14.22
CA TYR B 287 1.10 -4.39 14.54
C TYR B 287 0.95 -4.74 16.07
N ALA B 288 2.07 -5.06 16.71
CA ALA B 288 2.03 -5.35 18.13
C ALA B 288 1.54 -4.11 18.87
N ARG B 289 2.02 -2.94 18.43
CA ARG B 289 1.61 -1.67 19.02
C ARG B 289 0.12 -1.44 18.82
N ALA B 290 -0.38 -1.74 17.62
CA ALA B 290 -1.79 -1.56 17.32
C ALA B 290 -2.65 -2.46 18.19
N ALA B 291 -2.19 -3.70 18.36
CA ALA B 291 -2.91 -4.68 19.16
C ALA B 291 -3.00 -4.22 20.62
N TYR B 292 -1.93 -3.65 21.12
CA TYR B 292 -1.89 -3.17 22.50
C TYR B 292 -2.92 -2.06 22.72
N ARG B 293 -3.00 -1.14 21.78
CA ARG B 293 -3.94 -0.03 21.87
C ARG B 293 -5.40 -0.50 21.83
N LEU B 294 -5.68 -1.46 20.96
CA LEU B 294 -7.02 -2.02 20.83
C LEU B 294 -7.44 -2.74 22.11
N SER B 295 -6.48 -3.46 22.71
CA SER B 295 -6.72 -4.21 23.95
C SER B 295 -7.13 -3.31 25.13
N GLN B 296 -6.35 -2.24 25.22
CA GLN B 296 -6.57 -1.13 26.09
C GLN B 296 -7.89 -0.49 25.93
N ASN B 297 -8.43 -0.48 24.71
CA ASN B 297 -9.80 -0.05 24.50
C ASN B 297 -10.89 -1.04 24.75
N GLY B 298 -10.59 -2.22 25.27
CA GLY B 298 -11.61 -3.25 25.49
C GLY B 298 -12.05 -4.02 24.26
N ASP B 299 -11.20 -4.03 23.24
CA ASP B 299 -11.47 -4.73 22.06
C ASP B 299 -10.96 -6.13 22.28
N LYS B 300 -11.50 -7.07 21.51
CA LYS B 300 -11.10 -8.47 21.65
C LYS B 300 -11.40 -9.30 20.41
N GLY B 301 -10.82 -10.48 20.36
CA GLY B 301 -11.00 -11.40 19.26
C GLY B 301 -9.98 -11.21 18.15
N ALA B 302 -10.04 -12.09 17.16
CA ALA B 302 -9.14 -12.06 16.03
C ALA B 302 -9.40 -10.88 15.08
N LYS B 303 -8.30 -10.32 14.57
CA LYS B 303 -8.30 -9.20 13.62
C LYS B 303 -7.33 -9.55 12.45
N THR B 304 -7.51 -8.98 11.25
CA THR B 304 -6.51 -9.15 10.20
C THR B 304 -6.19 -7.73 9.78
N VAL B 305 -5.29 -7.60 8.82
CA VAL B 305 -4.91 -6.24 8.38
C VAL B 305 -6.10 -5.50 7.79
N PHE B 306 -7.18 -6.20 7.37
CA PHE B 306 -8.33 -5.53 6.85
C PHE B 306 -9.11 -4.74 7.97
N ASP B 307 -8.79 -5.00 9.23
CA ASP B 307 -9.53 -4.46 10.39
C ASP B 307 -8.76 -3.39 11.08
N ILE B 308 -7.52 -3.14 10.71
CA ILE B 308 -6.65 -2.28 11.51
C ILE B 308 -6.32 -0.98 10.82
N PRO B 309 -6.81 0.17 11.37
CA PRO B 309 -6.41 1.43 10.74
C PRO B 309 -4.97 1.72 10.91
N PHE B 310 -4.35 2.28 9.88
CA PHE B 310 -2.90 2.45 9.88
C PHE B 310 -2.36 3.38 10.96
N GLY B 311 -3.16 4.34 11.41
CA GLY B 311 -2.65 5.20 12.48
C GLY B 311 -2.26 4.53 13.77
N LEU B 312 -2.91 3.42 14.10
CA LEU B 312 -2.64 2.61 15.29
C LEU B 312 -1.27 1.99 15.29
N LEU B 313 -0.66 1.84 14.08
CA LEU B 313 0.69 1.39 13.90
C LEU B 313 1.82 2.34 14.30
N SER B 314 1.60 3.66 14.47
CA SER B 314 2.64 4.58 14.64
C SER B 314 2.53 5.02 16.16
N PRO B 315 3.71 5.27 16.76
CA PRO B 315 3.66 5.84 18.13
C PRO B 315 3.32 7.29 18.15
N LYS B 316 3.33 7.96 16.99
CA LYS B 316 2.86 9.35 16.87
C LYS B 316 1.38 9.61 17.06
N SER B 317 1.04 10.82 17.51
CA SER B 317 -0.29 11.23 17.67
C SER B 317 -0.99 11.31 16.26
N PRO B 318 -2.31 11.16 16.22
CA PRO B 318 -3.04 11.25 14.96
C PRO B 318 -2.83 12.63 14.36
N GLU B 319 -2.81 13.67 15.19
CA GLU B 319 -2.59 15.01 14.69
C GLU B 319 -1.21 15.12 14.04
N ASP B 320 -0.22 14.51 14.67
CA ASP B 320 1.13 14.52 14.14
C ASP B 320 1.21 13.78 12.81
N LEU B 321 0.50 12.66 12.70
CA LEU B 321 0.50 11.89 11.46
C LEU B 321 -0.08 12.74 10.33
N ARG B 322 -1.19 13.42 10.60
CA ARG B 322 -1.76 14.30 9.63
C ARG B 322 -0.78 15.34 9.17
N LYS B 323 -0.13 15.98 10.12
CA LYS B 323 0.82 17.05 9.80
C LYS B 323 1.98 16.59 8.96
N GLU B 324 2.78 15.68 9.50
CA GLU B 324 3.96 15.15 8.82
C GLU B 324 3.77 14.27 7.58
N LEU B 325 2.84 13.33 7.62
CA LEU B 325 2.66 12.39 6.52
C LEU B 325 1.48 12.46 5.53
N LEU B 326 0.36 13.04 5.93
CA LEU B 326 -0.80 13.09 5.04
C LEU B 326 -0.52 13.83 3.74
#